data_3QJJ
#
_entry.id   3QJJ
#
_cell.length_a   75.269
_cell.length_b   75.269
_cell.length_c   257.351
_cell.angle_alpha   90.00
_cell.angle_beta   90.00
_cell.angle_gamma   90.00
#
_symmetry.space_group_name_H-M   'P 43 21 2'
#
loop_
_entity.id
_entity.type
_entity.pdbx_description
1 polymer "RNA (5'-R(*GP*UP*UP*GP*AP*AP*AP*UP*CP*AP*GP*A)-3')"
2 polymer 'Putative uncharacterized protein PH0350'
#
loop_
_entity_poly.entity_id
_entity_poly.type
_entity_poly.pdbx_seq_one_letter_code
_entity_poly.pdbx_strand_id
1 'polyribonucleotide' GUUGAAAUCAGA R,Q
2 'polypeptide(L)'
;HHHHMRIEVKLLPLKDNPILPFNYNYEVYSQILEKVNSIEPTIAKLLSSPHGFWTFSRIIVRKRKILPDKGIEILSDDVS
LYISSSNEDIIRAIAEAVEKSPEFKIGELSFLVGDIKAIKVKELGKENVFSTLSPIVVRTVKFEGNKLRHWDLYPHDELF
MDRLRKVMILRYSEVMGETPKDRDFTIEVLKFKPTRLMVGSSYIRGSLMVFRYAGSEEIARFGYENGFGEKTGLGFGMVK
LIE
;
A,B
#
loop_
_chem_comp.id
_chem_comp.type
_chem_comp.name
_chem_comp.formula
A RNA linking ADENOSINE-5'-MONOPHOSPHATE 'C10 H14 N5 O7 P'
C RNA linking CYTIDINE-5'-MONOPHOSPHATE 'C9 H14 N3 O8 P'
G RNA linking GUANOSINE-5'-MONOPHOSPHATE 'C10 H14 N5 O8 P'
U RNA linking URIDINE-5'-MONOPHOSPHATE 'C9 H13 N2 O9 P'
#
# COMPACT_ATOMS: atom_id res chain seq x y z
N HIS B 1 -25.40 19.28 11.65
CA HIS B 1 -24.16 20.02 11.43
C HIS B 1 -23.22 19.42 10.39
N HIS B 2 -22.19 20.15 9.98
CA HIS B 2 -20.93 19.49 9.63
C HIS B 2 -19.63 20.15 10.12
N HIS B 3 -19.38 21.37 9.62
CA HIS B 3 -20.26 22.00 8.65
C HIS B 3 -19.67 21.84 7.25
N HIS B 4 -18.62 22.57 6.89
CA HIS B 4 -17.44 23.03 7.67
C HIS B 4 -16.72 21.69 8.10
N MET B 5 -15.85 21.36 7.16
CA MET B 5 -15.48 22.52 6.41
C MET B 5 -15.34 22.41 4.91
N ARG B 6 -15.90 23.37 4.21
CA ARG B 6 -15.76 23.34 2.79
C ARG B 6 -15.67 24.76 2.27
N ILE B 7 -14.72 25.01 1.38
CA ILE B 7 -14.51 26.36 0.83
C ILE B 7 -14.66 26.40 -0.72
N GLU B 8 -15.05 27.55 -1.23
CA GLU B 8 -15.05 27.81 -2.66
C GLU B 8 -13.99 28.82 -2.98
N VAL B 9 -13.02 28.43 -3.79
CA VAL B 9 -11.99 29.33 -4.27
C VAL B 9 -12.29 29.77 -5.70
N LYS B 10 -12.50 31.07 -5.93
CA LYS B 10 -12.70 31.63 -7.27
C LYS B 10 -11.39 31.89 -7.96
N LEU B 11 -11.30 31.57 -9.25
CA LEU B 11 -10.04 31.84 -9.94
C LEU B 11 -10.31 32.75 -11.12
N LEU B 12 -9.41 33.66 -11.43
CA LEU B 12 -9.63 34.58 -12.56
C LEU B 12 -8.58 34.30 -13.63
N PRO B 13 -9.05 33.88 -14.83
CA PRO B 13 -8.21 33.62 -15.99
C PRO B 13 -7.60 34.92 -16.53
N LEU B 14 -6.29 34.91 -16.81
CA LEU B 14 -5.66 36.18 -17.16
C LEU B 14 -5.46 36.23 -18.67
N LYS B 15 -6.52 36.58 -19.37
CA LYS B 15 -6.66 36.60 -20.83
C LYS B 15 -8.15 36.41 -21.12
N ASP B 16 -8.45 36.41 -22.40
CA ASP B 16 -9.77 36.15 -23.01
C ASP B 16 -9.45 35.01 -23.95
N ASN B 17 -10.52 34.29 -24.24
CA ASN B 17 -10.57 33.07 -25.01
C ASN B 17 -9.59 32.10 -24.32
N PRO B 18 -9.75 31.96 -22.97
CA PRO B 18 -8.88 31.12 -22.14
C PRO B 18 -9.28 29.69 -22.41
N ILE B 19 -8.37 28.73 -22.42
CA ILE B 19 -8.76 27.33 -22.65
C ILE B 19 -8.11 26.47 -21.58
N LEU B 20 -8.96 25.79 -20.81
CA LEU B 20 -8.52 24.95 -19.73
C LEU B 20 -8.21 23.52 -20.20
N PRO B 21 -6.96 23.06 -20.00
CA PRO B 21 -6.57 21.71 -20.39
C PRO B 21 -7.38 20.63 -19.68
N PHE B 22 -7.61 19.48 -20.32
CA PHE B 22 -8.51 18.45 -19.75
C PHE B 22 -7.97 17.80 -18.49
N ASN B 23 -6.65 17.59 -18.42
CA ASN B 23 -6.16 16.92 -17.24
C ASN B 23 -5.31 17.90 -16.46
N TYR B 24 -5.91 18.49 -15.42
CA TYR B 24 -5.15 19.35 -14.53
C TYR B 24 -4.81 18.85 -13.12
N ASN B 25 -5.26 17.65 -12.76
CA ASN B 25 -5.22 17.24 -11.34
C ASN B 25 -3.92 17.34 -10.58
N TYR B 26 -2.83 16.93 -11.19
CA TYR B 26 -1.53 16.93 -10.50
C TYR B 26 -1.03 18.35 -10.35
N GLU B 27 -1.24 19.13 -11.39
CA GLU B 27 -0.80 20.50 -11.38
C GLU B 27 -1.49 21.20 -10.21
N VAL B 28 -2.81 21.13 -10.11
CA VAL B 28 -3.49 21.80 -9.00
C VAL B 28 -2.96 21.31 -7.65
N TYR B 29 -2.93 19.99 -7.47
CA TYR B 29 -2.48 19.43 -6.21
C TYR B 29 -1.08 19.88 -5.83
N SER B 30 -0.11 19.75 -6.72
CA SER B 30 1.24 20.08 -6.29
C SER B 30 1.41 21.57 -5.97
N GLN B 31 0.74 22.44 -6.72
CA GLN B 31 0.80 23.85 -6.45
C GLN B 31 0.22 24.18 -5.06
N ILE B 32 -0.98 23.67 -4.74
CA ILE B 32 -1.50 23.85 -3.40
C ILE B 32 -0.50 23.30 -2.38
N LEU B 33 -0.03 22.08 -2.57
CA LEU B 33 0.95 21.47 -1.67
C LEU B 33 2.13 22.40 -1.42
N GLU B 34 2.71 22.92 -2.50
CA GLU B 34 3.83 23.86 -2.41
C GLU B 34 3.46 25.12 -1.58
N LYS B 35 2.32 25.73 -1.89
CA LYS B 35 1.85 26.94 -1.20
C LYS B 35 1.61 26.70 0.30
N VAL B 36 0.91 25.62 0.65
CA VAL B 36 0.71 25.29 2.05
C VAL B 36 2.02 24.99 2.73
N ASN B 37 2.93 24.35 2.02
CA ASN B 37 4.20 23.95 2.62
C ASN B 37 5.05 25.16 3.08
N SER B 38 4.88 26.29 2.40
CA SER B 38 5.56 27.52 2.75
C SER B 38 5.14 28.02 4.13
N ILE B 39 3.87 27.79 4.45
CA ILE B 39 3.26 28.25 5.68
C ILE B 39 3.19 27.13 6.70
N GLU B 40 2.51 26.06 6.35
CA GLU B 40 2.32 24.98 7.31
C GLU B 40 2.97 23.68 6.85
N PRO B 41 4.31 23.59 6.90
CA PRO B 41 5.00 22.39 6.39
C PRO B 41 4.41 21.13 7.02
N THR B 42 3.90 21.34 8.23
CA THR B 42 3.38 20.26 9.07
C THR B 42 2.01 19.81 8.59
N ILE B 43 1.25 20.74 8.04
CA ILE B 43 -0.03 20.41 7.46
C ILE B 43 0.18 19.80 6.05
N ALA B 44 1.16 20.33 5.31
CA ALA B 44 1.54 19.78 4.02
C ALA B 44 1.72 18.28 4.16
N LYS B 45 2.30 17.77 5.24
CA LYS B 45 2.48 16.30 5.33
C LYS B 45 1.10 15.61 5.35
N LEU B 46 0.02 16.31 5.74
CA LEU B 46 -1.30 15.66 5.69
C LEU B 46 -1.88 15.63 4.28
N LEU B 47 -1.74 16.74 3.57
CA LEU B 47 -2.18 16.87 2.20
C LEU B 47 -1.57 15.77 1.34
N SER B 48 -0.31 15.45 1.61
CA SER B 48 0.49 14.58 0.75
C SER B 48 0.33 13.11 1.10
N SER B 49 -0.42 12.82 2.14
CA SER B 49 -0.68 11.42 2.51
C SER B 49 -1.59 10.74 1.50
N PRO B 50 -1.36 9.43 1.28
CA PRO B 50 -2.21 8.65 0.38
C PRO B 50 -3.60 8.42 0.90
N HIS B 51 -3.78 8.56 2.21
CA HIS B 51 -5.03 8.22 2.85
C HIS B 51 -6.19 9.18 2.67
N GLY B 52 -5.98 10.31 2.00
CA GLY B 52 -7.10 11.22 1.78
C GLY B 52 -7.59 12.05 2.91
N PHE B 53 -6.69 12.88 3.44
CA PHE B 53 -7.03 13.85 4.49
C PHE B 53 -7.87 15.01 4.02
N TRP B 54 -8.05 15.17 2.71
CA TRP B 54 -8.89 16.23 2.16
C TRP B 54 -9.29 15.83 0.73
N THR B 55 -10.15 16.59 0.09
CA THR B 55 -10.43 16.34 -1.31
C THR B 55 -10.57 17.71 -2.03
N PHE B 56 -10.58 17.72 -3.37
CA PHE B 56 -11.06 18.85 -4.18
C PHE B 56 -11.74 18.48 -5.47
N SER B 57 -12.62 19.34 -5.94
CA SER B 57 -13.40 19.07 -7.14
C SER B 57 -12.65 19.31 -8.47
N ARG B 58 -13.36 19.13 -9.58
CA ARG B 58 -12.88 19.59 -10.89
C ARG B 58 -12.85 21.11 -10.80
N ILE B 59 -12.16 21.75 -11.72
CA ILE B 59 -12.28 23.19 -11.84
C ILE B 59 -13.60 23.46 -12.51
N ILE B 60 -14.54 24.11 -11.80
CA ILE B 60 -15.90 24.31 -12.30
C ILE B 60 -15.95 25.52 -13.22
N VAL B 61 -16.29 25.33 -14.49
CA VAL B 61 -16.51 26.43 -15.43
C VAL B 61 -17.99 26.55 -15.75
N ARG B 62 -18.69 27.58 -15.24
CA ARG B 62 -20.17 27.60 -15.40
C ARG B 62 -20.58 27.69 -16.86
N LYS B 63 -20.02 28.64 -17.59
CA LYS B 63 -20.32 28.70 -19.00
C LYS B 63 -19.12 28.24 -19.79
N ARG B 64 -19.29 27.29 -20.70
CA ARG B 64 -18.13 26.59 -21.22
C ARG B 64 -18.40 26.07 -22.62
N LYS B 65 -17.33 25.74 -23.33
CA LYS B 65 -17.45 25.05 -24.59
C LYS B 65 -16.44 23.92 -24.75
N ILE B 66 -16.87 22.73 -25.14
CA ILE B 66 -15.87 21.66 -25.23
C ILE B 66 -15.20 21.78 -26.60
N LEU B 67 -13.88 21.71 -26.63
CA LEU B 67 -13.10 21.70 -27.87
C LEU B 67 -12.35 20.41 -27.75
N PRO B 68 -12.91 19.33 -28.30
CA PRO B 68 -12.39 17.98 -28.01
C PRO B 68 -10.89 17.80 -28.14
N ASP B 69 -10.24 18.49 -29.05
CA ASP B 69 -8.79 18.33 -29.13
C ASP B 69 -7.99 19.22 -28.16
N LYS B 70 -8.54 20.36 -27.77
CA LYS B 70 -7.81 21.33 -26.94
C LYS B 70 -8.24 21.23 -25.45
N GLY B 71 -9.51 21.50 -25.15
CA GLY B 71 -9.99 21.48 -23.78
C GLY B 71 -11.28 22.27 -23.55
N ILE B 72 -11.49 22.76 -22.33
CA ILE B 72 -12.71 23.49 -22.05
C ILE B 72 -12.46 24.99 -22.25
N GLU B 73 -13.23 25.62 -23.13
CA GLU B 73 -13.17 27.06 -23.38
C GLU B 73 -13.90 27.80 -22.26
N ILE B 74 -13.23 28.73 -21.62
CA ILE B 74 -13.89 29.44 -20.56
C ILE B 74 -14.61 30.66 -21.11
N LEU B 75 -15.94 30.58 -21.12
CA LEU B 75 -16.80 31.66 -21.58
C LEU B 75 -17.29 32.48 -20.41
N SER B 76 -16.95 31.99 -19.23
CA SER B 76 -17.21 32.68 -17.98
C SER B 76 -16.18 33.76 -17.63
N ASP B 77 -16.60 34.69 -16.77
CA ASP B 77 -15.71 35.70 -16.22
C ASP B 77 -14.76 35.01 -15.24
N ASP B 78 -15.34 34.04 -14.53
CA ASP B 78 -14.58 33.17 -13.63
C ASP B 78 -14.84 31.68 -13.60
N VAL B 79 -14.00 31.01 -12.83
CA VAL B 79 -14.12 29.57 -12.63
C VAL B 79 -13.99 29.27 -11.13
N SER B 80 -14.62 28.20 -10.65
CA SER B 80 -14.52 27.85 -9.22
C SER B 80 -13.75 26.55 -8.95
N LEU B 81 -13.22 26.45 -7.75
CA LEU B 81 -12.57 25.22 -7.32
C LEU B 81 -13.01 24.96 -5.89
N TYR B 82 -13.72 23.87 -5.62
CA TYR B 82 -14.19 23.61 -4.26
C TYR B 82 -13.27 22.72 -3.45
N ILE B 83 -13.00 23.02 -2.19
CA ILE B 83 -12.09 22.18 -1.41
C ILE B 83 -12.74 21.73 -0.10
N SER B 84 -12.50 20.51 0.35
CA SER B 84 -13.20 20.05 1.55
C SER B 84 -12.26 19.22 2.41
N SER B 85 -12.58 19.08 3.69
CA SER B 85 -11.80 18.27 4.64
C SER B 85 -12.54 18.22 5.96
N SER B 86 -12.30 17.18 6.76
CA SER B 86 -12.98 17.03 8.04
C SER B 86 -12.16 17.79 9.09
N ASN B 87 -10.95 18.19 8.71
CA ASN B 87 -9.97 18.82 9.58
C ASN B 87 -9.85 20.28 9.17
N GLU B 88 -10.36 21.13 10.03
CA GLU B 88 -10.44 22.53 9.70
C GLU B 88 -9.11 23.27 9.82
N ASP B 89 -8.08 22.63 10.37
CA ASP B 89 -6.73 23.13 10.28
C ASP B 89 -6.18 23.03 8.86
N ILE B 90 -6.57 21.98 8.16
CA ILE B 90 -6.26 21.87 6.74
C ILE B 90 -6.98 22.92 5.90
N ILE B 91 -8.27 23.12 6.10
CA ILE B 91 -8.98 24.15 5.35
C ILE B 91 -8.37 25.51 5.59
N ARG B 92 -8.22 25.85 6.86
CA ARG B 92 -7.62 27.10 7.30
C ARG B 92 -6.27 27.34 6.60
N ALA B 93 -5.37 26.37 6.69
CA ALA B 93 -4.07 26.58 6.04
C ALA B 93 -4.25 26.79 4.55
N ILE B 94 -5.02 25.93 3.89
CA ILE B 94 -5.19 26.11 2.47
C ILE B 94 -5.68 27.52 2.17
N ALA B 95 -6.69 28.00 2.89
CA ALA B 95 -7.16 29.38 2.71
C ALA B 95 -6.02 30.43 2.79
N GLU B 96 -5.24 30.36 3.84
CA GLU B 96 -4.15 31.28 4.02
C GLU B 96 -3.13 31.19 2.86
N ALA B 97 -2.58 29.99 2.61
CA ALA B 97 -1.55 29.84 1.58
C ALA B 97 -1.99 30.41 0.23
N VAL B 98 -3.17 30.03 -0.24
CA VAL B 98 -3.70 30.48 -1.52
C VAL B 98 -3.88 32.00 -1.59
N GLU B 99 -4.06 32.63 -0.44
CA GLU B 99 -4.26 34.08 -0.45
C GLU B 99 -2.90 34.78 -0.48
N LYS B 100 -1.95 34.22 0.26
CA LYS B 100 -0.57 34.66 0.23
C LYS B 100 -0.02 34.55 -1.20
N SER B 101 -0.13 33.36 -1.78
CA SER B 101 0.44 33.10 -3.10
C SER B 101 -0.68 32.81 -4.06
N PRO B 102 -1.38 33.86 -4.57
CA PRO B 102 -2.57 33.55 -5.37
C PRO B 102 -2.30 33.36 -6.86
N GLU B 103 -1.27 32.59 -7.21
CA GLU B 103 -0.87 32.41 -8.60
C GLU B 103 -0.91 30.97 -9.03
N PHE B 104 -1.80 30.66 -9.95
CA PHE B 104 -1.94 29.30 -10.44
C PHE B 104 -1.62 29.18 -11.92
N LYS B 105 -0.81 28.20 -12.29
CA LYS B 105 -0.50 28.00 -13.70
C LYS B 105 -0.96 26.59 -14.04
N ILE B 106 -1.98 26.50 -14.88
CA ILE B 106 -2.45 25.21 -15.34
C ILE B 106 -2.23 25.09 -16.82
N GLY B 107 -1.28 24.22 -17.16
CA GLY B 107 -0.75 24.14 -18.50
C GLY B 107 -0.17 25.50 -18.89
N GLU B 108 -0.68 26.06 -19.98
CA GLU B 108 -0.18 27.33 -20.52
C GLU B 108 -0.94 28.54 -20.07
N LEU B 109 -1.91 28.37 -19.18
CA LEU B 109 -2.78 29.46 -18.73
C LEU B 109 -2.43 29.89 -17.30
N SER B 110 -2.75 31.14 -16.97
CA SER B 110 -2.53 31.62 -15.61
C SER B 110 -3.78 32.14 -14.92
N PHE B 111 -4.01 31.65 -13.71
CA PHE B 111 -5.09 32.11 -12.83
C PHE B 111 -4.69 32.97 -11.61
N LEU B 112 -5.59 33.86 -11.22
CA LEU B 112 -5.33 34.67 -10.06
C LEU B 112 -6.46 34.44 -9.08
N VAL B 113 -6.13 33.98 -7.87
CA VAL B 113 -7.17 33.69 -6.89
C VAL B 113 -7.93 34.94 -6.44
N GLY B 114 -9.24 34.90 -6.61
CA GLY B 114 -10.18 35.92 -6.14
C GLY B 114 -10.75 35.51 -4.80
N ASP B 115 -12.00 35.89 -4.53
CA ASP B 115 -12.57 35.64 -3.21
C ASP B 115 -12.48 34.17 -2.82
N ILE B 116 -12.18 33.95 -1.55
CA ILE B 116 -12.34 32.66 -0.92
C ILE B 116 -13.60 32.63 -0.03
N LYS B 117 -14.63 31.87 -0.36
CA LYS B 117 -15.75 31.77 0.61
C LYS B 117 -15.92 30.38 1.21
N ALA B 118 -16.33 30.37 2.47
CA ALA B 118 -16.66 29.16 3.19
C ALA B 118 -18.04 28.77 2.67
N ILE B 119 -18.33 27.48 2.51
CA ILE B 119 -19.62 27.14 1.92
C ILE B 119 -20.55 26.64 3.01
N LYS B 120 -21.79 27.07 2.89
CA LYS B 120 -22.88 26.56 3.69
C LYS B 120 -23.11 25.13 3.29
N VAL B 121 -23.30 24.26 4.26
CA VAL B 121 -23.40 22.87 3.89
C VAL B 121 -24.61 22.20 4.52
N LYS B 122 -25.40 21.51 3.71
CA LYS B 122 -26.66 21.01 4.20
C LYS B 122 -26.35 19.83 5.11
N GLU B 123 -27.17 19.59 6.13
CA GLU B 123 -26.98 18.44 6.98
C GLU B 123 -27.33 17.19 6.17
N LEU B 124 -26.87 16.03 6.61
CA LEU B 124 -27.19 14.79 5.94
C LEU B 124 -28.31 14.05 6.65
N GLY B 125 -29.25 13.52 5.87
CA GLY B 125 -30.30 12.68 6.43
C GLY B 125 -29.85 11.25 6.63
N LYS B 126 -30.78 10.35 6.92
CA LYS B 126 -30.48 8.93 7.00
C LYS B 126 -30.04 8.40 5.62
N GLU B 127 -30.76 8.85 4.60
CA GLU B 127 -30.37 8.53 3.24
C GLU B 127 -30.10 9.82 2.49
N ASN B 128 -29.05 9.76 1.69
CA ASN B 128 -28.59 10.87 0.92
C ASN B 128 -28.37 10.59 -0.56
N VAL B 129 -28.67 11.55 -1.40
CA VAL B 129 -28.35 11.37 -2.80
C VAL B 129 -27.12 12.22 -3.14
N PHE B 130 -25.98 11.59 -3.41
CA PHE B 130 -24.79 12.38 -3.68
C PHE B 130 -24.50 12.47 -5.22
N SER B 131 -23.98 13.60 -5.69
CA SER B 131 -23.38 13.70 -7.02
C SER B 131 -21.86 14.04 -7.01
N THR B 132 -21.08 13.50 -7.96
CA THR B 132 -19.65 13.74 -7.96
C THR B 132 -19.32 15.13 -8.51
N LEU B 133 -18.48 15.86 -7.78
CA LEU B 133 -17.92 17.12 -8.21
C LEU B 133 -16.56 16.84 -8.80
N SER B 134 -16.03 15.66 -8.50
CA SER B 134 -14.85 15.10 -9.15
C SER B 134 -14.95 13.55 -9.13
N PRO B 135 -14.40 12.88 -10.17
CA PRO B 135 -14.54 11.43 -10.39
C PRO B 135 -14.11 10.60 -9.16
N ILE B 136 -14.94 9.65 -8.74
CA ILE B 136 -14.60 8.66 -7.71
C ILE B 136 -13.72 7.52 -8.25
N VAL B 137 -12.59 7.26 -7.58
CA VAL B 137 -11.61 6.27 -8.04
C VAL B 137 -11.57 5.07 -7.13
N VAL B 138 -11.78 3.86 -7.64
CA VAL B 138 -11.62 2.65 -6.81
C VAL B 138 -10.72 1.62 -7.48
N ARG B 139 -9.58 1.32 -6.84
CA ARG B 139 -8.52 0.50 -7.47
C ARG B 139 -8.26 -0.86 -6.87
N THR B 140 -7.78 -1.76 -7.71
CA THR B 140 -7.41 -3.11 -7.31
C THR B 140 -6.07 -3.38 -7.99
N VAL B 141 -5.41 -4.45 -7.59
CA VAL B 141 -4.22 -4.89 -8.29
C VAL B 141 -4.43 -6.10 -9.23
N LYS B 142 -3.84 -6.04 -10.41
CA LYS B 142 -3.95 -7.18 -11.30
C LYS B 142 -2.64 -7.51 -12.01
N PHE B 143 -2.32 -8.80 -12.09
CA PHE B 143 -1.19 -9.24 -12.89
C PHE B 143 -1.43 -9.20 -14.41
N GLU B 144 -0.62 -8.43 -15.14
CA GLU B 144 -0.66 -8.43 -16.61
C GLU B 144 0.67 -8.86 -17.16
N GLY B 145 0.66 -9.99 -17.84
CA GLY B 145 1.92 -10.61 -18.13
C GLY B 145 2.67 -11.03 -16.87
N ASN B 146 3.91 -10.58 -16.88
CA ASN B 146 4.91 -10.78 -15.86
C ASN B 146 4.99 -9.58 -14.91
N LYS B 147 4.07 -8.63 -15.09
CA LYS B 147 4.11 -7.39 -14.31
C LYS B 147 2.84 -7.13 -13.48
N LEU B 148 2.96 -6.20 -12.54
CA LEU B 148 1.85 -5.77 -11.69
C LEU B 148 1.18 -4.51 -12.19
N ARG B 149 -0.11 -4.58 -12.48
CA ARG B 149 -0.83 -3.38 -12.92
C ARG B 149 -1.96 -2.92 -12.02
N HIS B 150 -2.30 -1.65 -12.13
CA HIS B 150 -3.34 -1.12 -11.29
C HIS B 150 -4.56 -1.39 -12.12
N TRP B 151 -5.54 -2.08 -11.56
CA TRP B 151 -6.77 -2.19 -12.31
C TRP B 151 -7.88 -1.37 -11.69
N ASP B 152 -8.48 -0.49 -12.47
CA ASP B 152 -9.56 0.37 -11.99
C ASP B 152 -10.93 -0.27 -12.11
N LEU B 153 -11.78 -0.02 -11.13
CA LEU B 153 -13.08 -0.64 -11.07
C LEU B 153 -14.11 0.44 -11.29
N TYR B 154 -15.27 0.02 -11.76
CA TYR B 154 -16.42 0.90 -11.88
C TYR B 154 -17.59 0.30 -11.16
N PRO B 155 -18.63 1.11 -10.93
CA PRO B 155 -19.76 0.62 -10.14
C PRO B 155 -20.41 -0.66 -10.66
N HIS B 156 -20.39 -0.89 -11.95
CA HIS B 156 -20.97 -2.11 -12.50
C HIS B 156 -20.10 -3.37 -12.27
N ASP B 157 -18.89 -3.19 -11.75
CA ASP B 157 -18.03 -4.32 -11.45
C ASP B 157 -18.38 -5.01 -10.11
N GLU B 158 -18.14 -6.30 -10.05
CA GLU B 158 -18.57 -7.03 -8.88
C GLU B 158 -17.75 -6.60 -7.67
N LEU B 159 -16.45 -6.37 -7.87
CA LEU B 159 -15.59 -6.10 -6.72
C LEU B 159 -15.63 -4.67 -6.29
N PHE B 160 -16.41 -3.88 -7.01
CA PHE B 160 -16.46 -2.47 -6.75
C PHE B 160 -16.87 -2.18 -5.35
N MET B 161 -18.12 -2.52 -5.11
CA MET B 161 -18.77 -2.23 -3.86
C MET B 161 -17.92 -2.76 -2.68
N ASP B 162 -17.30 -3.93 -2.88
CA ASP B 162 -16.52 -4.57 -1.82
C ASP B 162 -15.23 -3.82 -1.59
N ARG B 163 -14.63 -3.33 -2.66
CA ARG B 163 -13.41 -2.53 -2.54
C ARG B 163 -13.62 -1.16 -1.87
N LEU B 164 -14.69 -0.50 -2.25
CA LEU B 164 -15.01 0.84 -1.78
C LEU B 164 -15.26 0.77 -0.29
N ARG B 165 -16.00 -0.24 0.15
CA ARG B 165 -16.22 -0.46 1.59
C ARG B 165 -14.89 -0.52 2.35
N LYS B 166 -13.96 -1.37 1.89
CA LYS B 166 -12.70 -1.48 2.55
C LYS B 166 -11.87 -0.20 2.52
N VAL B 167 -11.90 0.48 1.39
CA VAL B 167 -11.17 1.72 1.26
C VAL B 167 -11.68 2.76 2.25
N MET B 168 -12.99 2.87 2.35
CA MET B 168 -13.60 3.85 3.27
C MET B 168 -13.27 3.51 4.71
N ILE B 169 -13.58 2.29 5.14
CA ILE B 169 -13.22 1.85 6.49
C ILE B 169 -11.69 2.11 6.73
N LEU B 170 -10.82 1.72 5.80
CA LEU B 170 -9.38 1.94 5.95
C LEU B 170 -9.06 3.39 6.12
N ARG B 171 -9.47 4.18 5.13
CA ARG B 171 -9.24 5.60 5.12
C ARG B 171 -9.72 6.24 6.44
N TYR B 172 -10.93 5.87 6.85
CA TYR B 172 -11.57 6.39 8.05
C TYR B 172 -10.60 6.20 9.23
N SER B 173 -10.09 4.99 9.45
CA SER B 173 -9.21 4.79 10.61
C SER B 173 -7.92 5.51 10.52
N GLU B 174 -7.45 5.69 9.31
CA GLU B 174 -6.20 6.34 9.13
C GLU B 174 -6.36 7.81 9.42
N VAL B 175 -7.34 8.49 8.83
CA VAL B 175 -7.49 9.91 9.13
C VAL B 175 -8.27 10.24 10.42
N MET B 176 -9.29 9.47 10.77
CA MET B 176 -10.10 9.74 12.01
C MET B 176 -9.37 9.22 13.29
N GLY B 177 -8.51 8.22 13.12
CA GLY B 177 -7.69 7.58 14.15
C GLY B 177 -8.19 6.23 14.73
N GLU B 178 -9.45 5.93 14.52
CA GLU B 178 -10.09 4.66 14.91
C GLU B 178 -10.94 4.22 13.75
N THR B 179 -11.42 2.98 13.82
CA THR B 179 -12.32 2.42 12.82
C THR B 179 -13.74 2.83 13.19
N PRO B 180 -14.55 3.08 12.17
CA PRO B 180 -15.91 3.55 12.47
C PRO B 180 -16.68 2.43 13.15
N LYS B 181 -17.57 2.81 14.05
CA LYS B 181 -18.33 1.84 14.80
C LYS B 181 -19.28 1.13 13.87
N ASP B 182 -20.05 1.89 13.09
CA ASP B 182 -20.88 1.29 12.04
C ASP B 182 -20.15 1.31 10.71
N ARG B 183 -19.77 0.12 10.23
CA ARG B 183 -19.11 -0.04 8.93
C ARG B 183 -19.92 -0.51 7.74
N ASP B 184 -21.22 -0.65 7.88
CA ASP B 184 -22.07 -1.11 6.77
C ASP B 184 -22.69 0.00 5.95
N PHE B 185 -22.55 -0.13 4.64
CA PHE B 185 -23.30 0.77 3.78
C PHE B 185 -23.50 0.24 2.39
N THR B 186 -24.51 0.79 1.73
CA THR B 186 -24.73 0.44 0.34
C THR B 186 -24.90 1.73 -0.46
N ILE B 187 -24.63 1.65 -1.76
CA ILE B 187 -24.99 2.72 -2.69
C ILE B 187 -25.73 2.18 -3.90
N GLU B 188 -26.72 2.91 -4.39
CA GLU B 188 -27.23 2.49 -5.68
C GLU B 188 -27.03 3.57 -6.71
N VAL B 189 -26.32 3.19 -7.78
CA VAL B 189 -25.99 4.12 -8.84
C VAL B 189 -27.23 4.57 -9.61
N LEU B 190 -27.41 5.88 -9.77
CA LEU B 190 -28.57 6.38 -10.49
C LEU B 190 -28.17 6.74 -11.91
N LYS B 191 -27.18 7.63 -12.01
CA LYS B 191 -26.50 8.03 -13.25
C LYS B 191 -24.97 7.81 -13.20
N PHE B 192 -24.41 7.17 -14.22
CA PHE B 192 -22.98 6.82 -14.27
C PHE B 192 -22.24 7.16 -15.59
N LYS B 193 -21.01 7.65 -15.48
CA LYS B 193 -20.13 7.95 -16.63
C LYS B 193 -18.67 7.68 -16.30
N PRO B 194 -17.97 6.94 -17.15
CA PRO B 194 -16.53 6.71 -16.97
C PRO B 194 -15.72 7.90 -17.41
N THR B 195 -14.58 8.08 -16.76
CA THR B 195 -13.65 9.15 -17.08
C THR B 195 -12.23 8.63 -16.93
N ARG B 196 -11.31 9.18 -17.71
CA ARG B 196 -9.90 8.80 -17.59
C ARG B 196 -9.05 10.06 -17.59
N LEU B 197 -8.26 10.19 -16.54
CA LEU B 197 -7.36 11.32 -16.30
C LEU B 197 -5.90 10.95 -16.28
N MET B 198 -5.09 11.83 -16.86
CA MET B 198 -3.65 11.68 -16.81
C MET B 198 -3.11 12.45 -15.61
N VAL B 199 -2.63 11.74 -14.58
CA VAL B 199 -1.99 12.42 -13.44
C VAL B 199 -0.50 12.02 -13.43
N GLY B 200 0.35 12.99 -13.72
CA GLY B 200 1.78 12.75 -13.90
C GLY B 200 1.93 11.86 -15.13
N SER B 201 2.67 10.74 -15.02
CA SER B 201 2.83 9.88 -16.19
C SER B 201 1.84 8.72 -16.25
N SER B 202 0.92 8.64 -15.29
CA SER B 202 0.02 7.49 -15.17
C SER B 202 -1.42 7.88 -15.49
N TYR B 203 -2.19 6.92 -15.98
CA TYR B 203 -3.60 7.09 -16.28
C TYR B 203 -4.48 6.60 -15.13
N ILE B 204 -5.43 7.42 -14.70
CA ILE B 204 -6.37 7.00 -13.68
C ILE B 204 -7.80 7.09 -14.16
N ARG B 205 -8.53 6.02 -13.85
CA ARG B 205 -9.88 5.89 -14.33
C ARG B 205 -10.89 5.89 -13.18
N GLY B 206 -11.99 6.59 -13.41
CA GLY B 206 -12.94 6.75 -12.36
C GLY B 206 -14.30 6.96 -12.96
N SER B 207 -15.23 7.16 -12.07
CA SER B 207 -16.62 7.32 -12.34
C SER B 207 -17.09 8.73 -12.00
N LEU B 208 -17.84 9.32 -12.90
CA LEU B 208 -18.63 10.49 -12.57
C LEU B 208 -20.02 9.99 -12.36
N MET B 209 -20.55 10.09 -11.14
CA MET B 209 -21.84 9.40 -10.92
C MET B 209 -22.76 10.14 -9.96
N VAL B 210 -24.05 9.86 -10.09
CA VAL B 210 -25.04 10.22 -9.10
C VAL B 210 -25.50 8.98 -8.43
N PHE B 211 -25.40 8.93 -7.11
CA PHE B 211 -25.80 7.73 -6.40
C PHE B 211 -26.53 8.02 -5.14
N ARG B 212 -27.25 7.02 -4.63
CA ARG B 212 -27.94 7.19 -3.35
C ARG B 212 -27.21 6.32 -2.30
N TYR B 213 -26.89 6.93 -1.16
CA TYR B 213 -26.17 6.26 -0.10
C TYR B 213 -27.12 5.85 1.00
N ALA B 214 -26.92 4.66 1.55
CA ALA B 214 -27.67 4.27 2.74
C ALA B 214 -26.74 3.57 3.72
N GLY B 215 -27.14 3.50 4.98
CA GLY B 215 -26.33 2.92 6.06
C GLY B 215 -25.45 3.92 6.81
N SER B 216 -24.25 3.51 7.23
CA SER B 216 -23.49 4.20 8.30
C SER B 216 -23.34 5.72 8.17
N GLU B 217 -23.74 6.43 9.22
CA GLU B 217 -23.75 7.89 9.19
C GLU B 217 -22.34 8.43 9.38
N GLU B 218 -21.47 7.66 10.00
CA GLU B 218 -20.09 8.13 10.10
C GLU B 218 -19.36 7.98 8.79
N ILE B 219 -19.57 6.90 8.05
CA ILE B 219 -18.89 6.83 6.74
C ILE B 219 -19.42 7.89 5.76
N ALA B 220 -20.72 8.14 5.79
CA ALA B 220 -21.32 9.20 4.99
C ALA B 220 -20.73 10.59 5.26
N ARG B 221 -20.65 10.96 6.53
CA ARG B 221 -20.02 12.23 6.90
C ARG B 221 -18.59 12.24 6.36
N PHE B 222 -17.87 11.14 6.55
CA PHE B 222 -16.48 11.05 6.11
C PHE B 222 -16.33 11.23 4.60
N GLY B 223 -17.18 10.55 3.82
CA GLY B 223 -17.10 10.64 2.38
C GLY B 223 -17.47 12.03 1.94
N TYR B 224 -18.54 12.55 2.54
CA TYR B 224 -18.92 13.92 2.22
C TYR B 224 -17.78 14.91 2.46
N GLU B 225 -17.12 14.84 3.62
CA GLU B 225 -16.10 15.81 3.95
C GLU B 225 -14.76 15.48 3.28
N ASN B 226 -14.32 14.23 3.31
CA ASN B 226 -13.02 13.90 2.73
C ASN B 226 -13.09 13.27 1.34
N GLY B 227 -14.28 13.12 0.78
CA GLY B 227 -14.39 12.48 -0.53
C GLY B 227 -14.51 10.97 -0.44
N PHE B 228 -15.18 10.36 -1.44
CA PHE B 228 -15.34 8.92 -1.53
C PHE B 228 -14.32 8.24 -2.42
N GLY B 229 -13.86 7.06 -2.01
CA GLY B 229 -12.94 6.30 -2.83
C GLY B 229 -11.50 6.62 -2.49
N GLU B 230 -10.61 6.53 -3.49
CA GLU B 230 -9.15 6.62 -3.33
C GLU B 230 -8.62 7.83 -4.11
N LYS B 231 -7.38 8.23 -3.79
CA LYS B 231 -6.68 9.36 -4.41
C LYS B 231 -7.43 10.65 -4.23
N THR B 232 -8.18 10.79 -3.14
CA THR B 232 -8.99 11.98 -3.00
C THR B 232 -8.05 13.19 -2.97
N GLY B 233 -6.93 13.05 -2.26
CA GLY B 233 -6.01 14.16 -2.19
C GLY B 233 -5.51 14.60 -3.56
N LEU B 234 -5.69 13.77 -4.59
CA LEU B 234 -5.24 14.17 -5.92
C LEU B 234 -6.36 14.88 -6.68
N GLY B 235 -7.50 15.17 -6.02
CA GLY B 235 -8.61 15.75 -6.76
C GLY B 235 -9.73 14.85 -7.26
N PHE B 236 -9.91 13.71 -6.59
CA PHE B 236 -10.97 12.73 -6.89
C PHE B 236 -11.93 12.60 -5.74
N GLY B 237 -13.20 12.30 -6.04
CA GLY B 237 -14.05 11.83 -5.00
C GLY B 237 -14.94 12.84 -4.28
N MET B 238 -14.73 14.11 -4.54
CA MET B 238 -15.54 15.08 -3.84
C MET B 238 -16.99 14.95 -4.29
N VAL B 239 -17.91 14.87 -3.35
CA VAL B 239 -19.31 14.87 -3.73
C VAL B 239 -20.09 16.05 -3.21
N LYS B 240 -21.19 16.32 -3.91
CA LYS B 240 -22.01 17.46 -3.60
C LYS B 240 -23.31 16.82 -3.15
N LEU B 241 -23.97 17.45 -2.19
CA LEU B 241 -25.13 16.80 -1.61
C LEU B 241 -26.34 17.28 -2.38
N ILE B 242 -27.22 16.41 -2.85
CA ILE B 242 -28.44 16.90 -3.53
C ILE B 242 -29.73 16.34 -2.91
N GLU B 243 -30.85 16.57 -3.58
CA GLU B 243 -32.11 16.06 -3.04
C GLU B 243 -32.74 14.97 -3.94
N HIS C 4 4.77 -20.56 -8.23
CA HIS C 4 6.01 -19.88 -7.85
C HIS C 4 5.85 -18.37 -7.93
N MET C 5 4.87 -17.83 -7.20
CA MET C 5 4.70 -16.39 -7.27
C MET C 5 5.63 -15.73 -6.24
N ARG C 6 6.50 -14.88 -6.76
CA ARG C 6 7.46 -14.17 -5.97
C ARG C 6 7.60 -12.74 -6.40
N ILE C 7 7.49 -11.82 -5.45
CA ILE C 7 7.57 -10.40 -5.77
C ILE C 7 8.77 -9.70 -5.13
N GLU C 8 9.22 -8.61 -5.77
CA GLU C 8 10.22 -7.73 -5.21
C GLU C 8 9.55 -6.38 -4.96
N VAL C 9 9.33 -6.07 -3.68
CA VAL C 9 8.80 -4.79 -3.24
C VAL C 9 9.99 -3.85 -3.01
N LYS C 10 9.92 -2.65 -3.58
CA LYS C 10 11.00 -1.68 -3.43
C LYS C 10 10.70 -0.73 -2.32
N LEU C 11 11.68 -0.43 -1.49
CA LEU C 11 11.41 0.50 -0.41
C LEU C 11 12.28 1.73 -0.57
N LEU C 12 11.68 2.90 -0.35
CA LEU C 12 12.38 4.18 -0.47
C LEU C 12 12.41 4.83 0.89
N PRO C 13 13.60 5.02 1.43
CA PRO C 13 14.00 5.54 2.75
C PRO C 13 13.66 7.04 2.84
N LEU C 14 12.98 7.47 3.91
CA LEU C 14 12.71 8.91 4.05
C LEU C 14 13.99 9.46 4.71
N LYS C 15 14.41 10.62 4.19
CA LYS C 15 15.67 11.32 4.49
C LYS C 15 16.89 10.55 4.00
N ASP C 16 18.02 10.73 4.69
CA ASP C 16 19.29 10.18 4.25
C ASP C 16 20.21 10.02 5.45
N ASN C 17 21.37 9.43 5.20
CA ASN C 17 22.12 8.81 6.27
C ASN C 17 21.20 7.81 6.99
N PRO C 18 20.41 7.01 6.21
CA PRO C 18 19.35 6.25 6.86
C PRO C 18 20.03 5.09 7.57
N ILE C 19 19.61 4.75 8.78
CA ILE C 19 20.14 3.54 9.39
C ILE C 19 19.10 2.50 9.73
N LEU C 20 19.22 1.38 9.02
CA LEU C 20 18.40 0.20 9.24
C LEU C 20 18.89 -0.61 10.42
N PRO C 21 18.00 -0.85 11.39
CA PRO C 21 18.32 -1.61 12.60
C PRO C 21 18.57 -3.09 12.28
N PHE C 22 19.40 -3.79 13.05
CA PHE C 22 19.71 -5.18 12.73
C PHE C 22 18.51 -6.17 12.85
N ASN C 23 17.62 -5.97 13.83
CA ASN C 23 16.50 -6.88 14.01
C ASN C 23 15.15 -6.27 13.75
N TYR C 24 14.68 -6.49 12.53
CA TYR C 24 13.41 -6.01 11.99
C TYR C 24 12.28 -7.02 11.73
N ASN C 25 12.58 -8.31 11.95
CA ASN C 25 11.67 -9.39 11.56
C ASN C 25 10.28 -9.10 12.03
N TYR C 26 10.05 -9.10 13.34
CA TYR C 26 8.69 -8.95 13.87
C TYR C 26 7.96 -7.74 13.26
N GLU C 27 8.65 -6.59 13.21
CA GLU C 27 8.07 -5.34 12.67
C GLU C 27 7.61 -5.39 11.21
N VAL C 28 8.34 -6.09 10.36
CA VAL C 28 7.93 -6.20 8.97
C VAL C 28 6.77 -7.17 8.96
N TYR C 29 6.91 -8.27 9.67
CA TYR C 29 5.82 -9.23 9.73
C TYR C 29 4.56 -8.52 10.20
N SER C 30 4.53 -7.99 11.41
CA SER C 30 3.28 -7.43 11.91
C SER C 30 2.74 -6.30 11.02
N GLN C 31 3.60 -5.58 10.30
CA GLN C 31 3.03 -4.56 9.46
C GLN C 31 2.41 -5.06 8.18
N ILE C 32 2.97 -6.11 7.58
CA ILE C 32 2.30 -6.69 6.46
C ILE C 32 1.02 -7.34 6.95
N LEU C 33 1.05 -8.01 8.09
CA LEU C 33 -0.16 -8.67 8.59
C LEU C 33 -1.37 -7.71 8.72
N GLU C 34 -1.16 -6.47 9.17
CA GLU C 34 -2.26 -5.47 9.32
C GLU C 34 -2.69 -4.97 7.95
N LYS C 35 -1.75 -4.45 7.19
CA LYS C 35 -2.03 -3.92 5.88
C LYS C 35 -2.91 -4.93 5.13
N VAL C 36 -2.49 -6.18 5.09
CA VAL C 36 -3.27 -7.23 4.46
C VAL C 36 -4.61 -7.48 5.15
N ASN C 37 -4.64 -7.55 6.48
CA ASN C 37 -5.93 -7.69 7.14
C ASN C 37 -7.07 -6.71 6.73
N SER C 38 -6.72 -5.47 6.41
CA SER C 38 -7.66 -4.44 5.97
C SER C 38 -8.36 -4.79 4.64
N ILE C 39 -7.57 -5.31 3.71
CA ILE C 39 -7.99 -5.75 2.37
C ILE C 39 -8.62 -7.15 2.30
N GLU C 40 -7.97 -8.11 2.93
CA GLU C 40 -8.44 -9.49 2.85
C GLU C 40 -8.26 -10.26 4.14
N PRO C 41 -9.16 -10.05 5.12
CA PRO C 41 -8.99 -10.60 6.46
C PRO C 41 -8.78 -12.14 6.38
N THR C 42 -9.33 -12.74 5.34
CA THR C 42 -9.34 -14.18 5.21
C THR C 42 -7.96 -14.73 4.89
N ILE C 43 -7.18 -13.97 4.14
CA ILE C 43 -5.80 -14.35 3.83
C ILE C 43 -4.85 -14.03 4.98
N ALA C 44 -5.13 -12.94 5.67
CA ALA C 44 -4.32 -12.52 6.79
C ALA C 44 -4.19 -13.65 7.77
N LYS C 45 -5.18 -14.55 7.79
CA LYS C 45 -5.08 -15.63 8.76
C LYS C 45 -4.15 -16.70 8.28
N LEU C 46 -3.93 -16.79 6.97
CA LEU C 46 -2.89 -17.63 6.43
C LEU C 46 -1.49 -17.11 6.80
N LEU C 47 -1.26 -15.80 6.60
CA LEU C 47 0.01 -15.18 6.96
C LEU C 47 0.44 -15.41 8.42
N SER C 48 -0.53 -15.53 9.30
CA SER C 48 -0.29 -15.63 10.75
C SER C 48 -0.15 -17.08 11.17
N SER C 49 -0.34 -18.00 10.25
CA SER C 49 -0.24 -19.39 10.61
C SER C 49 1.19 -19.83 10.89
N PRO C 50 1.35 -20.73 11.87
CA PRO C 50 2.66 -21.25 12.23
C PRO C 50 3.23 -22.08 11.12
N HIS C 51 2.40 -22.52 10.19
CA HIS C 51 2.82 -23.49 9.19
C HIS C 51 3.57 -22.96 7.96
N GLY C 52 3.75 -21.64 7.90
CA GLY C 52 4.56 -21.06 6.85
C GLY C 52 3.92 -21.11 5.48
N PHE C 53 2.81 -20.39 5.31
CA PHE C 53 2.15 -20.26 4.00
C PHE C 53 2.81 -19.29 3.05
N TRP C 54 3.95 -18.74 3.49
CA TRP C 54 4.72 -17.73 2.77
C TRP C 54 6.01 -17.49 3.51
N THR C 55 6.97 -16.87 2.84
CA THR C 55 8.24 -16.45 3.43
C THR C 55 8.56 -15.05 2.88
N PHE C 56 9.35 -14.27 3.61
CA PHE C 56 10.01 -13.08 3.06
C PHE C 56 11.51 -12.95 3.47
N SER C 57 12.24 -12.09 2.81
CA SER C 57 13.68 -12.07 3.00
C SER C 57 14.09 -10.99 3.97
N ARG C 58 15.41 -10.93 4.18
CA ARG C 58 16.08 -9.83 4.84
C ARG C 58 15.73 -8.59 4.04
N ILE C 59 15.69 -7.44 4.68
CA ILE C 59 15.58 -6.21 3.88
C ILE C 59 16.91 -5.99 3.13
N ILE C 60 16.87 -5.96 1.81
CA ILE C 60 18.10 -5.99 1.01
C ILE C 60 18.66 -4.60 0.73
N VAL C 61 19.87 -4.31 1.21
CA VAL C 61 20.49 -3.02 0.97
C VAL C 61 21.74 -3.25 0.10
N ARG C 62 21.67 -2.84 -1.17
CA ARG C 62 22.71 -3.13 -2.14
C ARG C 62 24.06 -2.48 -1.91
N LYS C 63 24.02 -1.22 -1.52
CA LYS C 63 25.20 -0.45 -1.22
C LYS C 63 25.00 -0.11 0.26
N ARG C 64 25.93 -0.54 1.10
CA ARG C 64 25.70 -0.48 2.54
C ARG C 64 27.00 -0.47 3.32
N LYS C 65 26.92 -0.12 4.60
CA LYS C 65 28.10 -0.43 5.41
C LYS C 65 27.69 -0.70 6.85
N ILE C 66 28.54 -1.44 7.56
CA ILE C 66 28.09 -1.99 8.81
C ILE C 66 28.55 -1.03 9.86
N LEU C 67 27.62 -0.57 10.69
CA LEU C 67 27.95 0.13 11.90
C LEU C 67 27.58 -0.82 13.02
N PRO C 68 28.59 -1.47 13.62
CA PRO C 68 28.19 -2.55 14.53
C PRO C 68 27.26 -2.24 15.73
N ASP C 69 27.26 -1.04 16.32
CA ASP C 69 26.33 -0.85 17.45
C ASP C 69 24.99 -0.22 17.03
N LYS C 70 24.84 0.10 15.75
CA LYS C 70 23.71 0.89 15.32
C LYS C 70 22.95 0.08 14.30
N GLY C 71 23.58 -0.30 13.18
CA GLY C 71 22.89 -1.02 12.13
C GLY C 71 23.49 -0.96 10.75
N ILE C 72 22.67 -1.14 9.72
CA ILE C 72 23.18 -1.06 8.37
C ILE C 72 22.80 0.28 7.73
N GLU C 73 23.80 1.15 7.51
CA GLU C 73 23.63 2.44 6.84
C GLU C 73 23.26 2.25 5.37
N ILE C 74 22.21 2.90 4.90
CA ILE C 74 21.79 2.71 3.52
C ILE C 74 22.46 3.80 2.70
N LEU C 75 23.39 3.38 1.84
CA LEU C 75 24.09 4.33 0.99
C LEU C 75 23.51 4.35 -0.40
N SER C 76 22.55 3.47 -0.61
CA SER C 76 21.82 3.41 -1.86
C SER C 76 20.58 4.27 -1.85
N ASP C 77 19.94 4.33 -2.99
CA ASP C 77 18.73 5.12 -3.12
C ASP C 77 17.60 4.30 -2.58
N ASP C 78 17.72 2.99 -2.75
CA ASP C 78 16.65 2.06 -2.38
C ASP C 78 17.08 0.68 -1.80
N VAL C 79 16.16 0.12 -1.03
CA VAL C 79 16.33 -1.22 -0.52
C VAL C 79 15.20 -2.07 -1.10
N SER C 80 15.21 -3.37 -0.84
CA SER C 80 14.28 -4.32 -1.46
C SER C 80 13.84 -5.39 -0.49
N LEU C 81 12.56 -5.73 -0.52
CA LEU C 81 12.05 -6.83 0.26
C LEU C 81 11.58 -7.87 -0.75
N TYR C 82 11.78 -9.16 -0.49
CA TYR C 82 11.32 -10.20 -1.43
C TYR C 82 10.35 -11.08 -0.72
N ILE C 83 9.11 -11.10 -1.19
CA ILE C 83 8.10 -11.93 -0.57
C ILE C 83 7.74 -13.06 -1.51
N SER C 84 7.51 -14.25 -0.98
CA SER C 84 7.22 -15.41 -1.81
C SER C 84 6.16 -16.33 -1.21
N SER C 85 5.57 -17.15 -2.06
CA SER C 85 4.50 -18.05 -1.65
C SER C 85 4.10 -18.93 -2.80
N SER C 86 3.57 -20.10 -2.46
CA SER C 86 3.15 -21.07 -3.47
C SER C 86 1.73 -20.75 -3.89
N ASN C 87 1.09 -19.90 -3.10
CA ASN C 87 -0.28 -19.45 -3.27
C ASN C 87 -0.31 -18.06 -3.84
N GLU C 88 -0.75 -17.93 -5.09
CA GLU C 88 -0.81 -16.63 -5.75
C GLU C 88 -1.93 -15.71 -5.24
N ASP C 89 -2.77 -16.23 -4.37
CA ASP C 89 -3.76 -15.35 -3.82
C ASP C 89 -3.10 -14.51 -2.74
N ILE C 90 -2.25 -15.16 -1.93
CA ILE C 90 -1.46 -14.50 -0.90
C ILE C 90 -0.55 -13.47 -1.53
N ILE C 91 0.21 -13.86 -2.53
CA ILE C 91 1.05 -12.87 -3.19
C ILE C 91 0.20 -11.68 -3.74
N ARG C 92 -0.88 -11.96 -4.48
CA ARG C 92 -1.72 -10.85 -4.98
C ARG C 92 -2.27 -9.92 -3.91
N ALA C 93 -2.58 -10.44 -2.72
CA ALA C 93 -3.17 -9.64 -1.65
C ALA C 93 -2.11 -8.79 -0.99
N ILE C 94 -0.92 -9.35 -0.81
CA ILE C 94 0.16 -8.60 -0.19
C ILE C 94 0.51 -7.44 -1.13
N ALA C 95 0.52 -7.69 -2.43
CA ALA C 95 0.84 -6.63 -3.37
C ALA C 95 -0.20 -5.49 -3.32
N GLU C 96 -1.48 -5.81 -3.18
CA GLU C 96 -2.52 -4.80 -3.12
C GLU C 96 -2.40 -4.03 -1.82
N ALA C 97 -2.41 -4.75 -0.70
CA ALA C 97 -2.43 -4.18 0.63
C ALA C 97 -1.29 -3.19 0.90
N VAL C 98 -0.13 -3.50 0.33
CA VAL C 98 1.09 -2.73 0.50
C VAL C 98 1.03 -1.50 -0.36
N GLU C 99 0.34 -1.62 -1.49
CA GLU C 99 0.15 -0.48 -2.35
C GLU C 99 -0.85 0.52 -1.71
N LYS C 100 -1.84 -0.01 -0.98
CA LYS C 100 -2.85 0.84 -0.35
C LYS C 100 -2.38 1.49 0.93
N SER C 101 -1.36 0.94 1.55
CA SER C 101 -0.83 1.52 2.78
C SER C 101 0.69 1.46 2.72
N PRO C 102 1.30 2.30 1.86
CA PRO C 102 2.72 2.21 1.48
C PRO C 102 3.73 2.53 2.60
N GLU C 103 3.29 3.23 3.64
CA GLU C 103 4.16 3.56 4.80
C GLU C 103 4.60 2.30 5.62
N PHE C 104 5.88 2.25 5.97
CA PHE C 104 6.42 1.21 6.81
C PHE C 104 7.33 1.86 7.84
N LYS C 105 7.16 1.54 9.13
CA LYS C 105 8.05 2.10 10.16
C LYS C 105 8.88 0.93 10.70
N ILE C 106 10.19 1.15 10.79
CA ILE C 106 11.12 0.17 11.34
C ILE C 106 12.05 0.93 12.25
N GLY C 107 11.99 0.61 13.53
CA GLY C 107 12.70 1.35 14.55
C GLY C 107 12.29 2.82 14.41
N GLU C 108 13.28 3.68 14.25
CA GLU C 108 13.11 5.13 14.02
C GLU C 108 12.79 5.40 12.54
N LEU C 109 13.36 4.60 11.65
CA LEU C 109 13.24 4.83 10.21
C LEU C 109 11.81 4.73 9.69
N SER C 110 11.56 5.35 8.54
CA SER C 110 10.32 5.14 7.81
C SER C 110 10.51 4.96 6.31
N PHE C 111 9.97 3.88 5.76
CA PHE C 111 10.06 3.69 4.33
C PHE C 111 8.75 3.96 3.63
N LEU C 112 8.81 3.94 2.31
CA LEU C 112 7.66 4.19 1.47
C LEU C 112 7.69 3.19 0.31
N VAL C 113 6.63 2.41 0.17
CA VAL C 113 6.62 1.42 -0.88
C VAL C 113 6.64 2.08 -2.25
N GLY C 114 7.67 1.71 -3.01
CA GLY C 114 7.92 2.11 -4.38
C GLY C 114 7.33 1.09 -5.33
N ASP C 115 8.03 0.79 -6.43
CA ASP C 115 7.47 -0.08 -7.45
C ASP C 115 7.46 -1.52 -6.88
N ILE C 116 6.41 -2.30 -7.19
CA ILE C 116 6.40 -3.74 -6.93
C ILE C 116 6.60 -4.51 -8.21
N LYS C 117 7.41 -5.58 -8.15
CA LYS C 117 7.75 -6.35 -9.35
C LYS C 117 7.59 -7.86 -9.20
N ALA C 118 6.94 -8.50 -10.15
CA ALA C 118 6.73 -9.94 -10.09
C ALA C 118 8.10 -10.41 -10.52
N ILE C 119 8.52 -11.61 -10.12
CA ILE C 119 9.88 -12.04 -10.44
C ILE C 119 10.01 -13.25 -11.30
N LYS C 120 10.81 -13.07 -12.33
CA LYS C 120 11.06 -14.08 -13.35
C LYS C 120 11.81 -15.20 -12.63
N VAL C 121 11.24 -16.39 -12.71
CA VAL C 121 11.73 -17.49 -11.90
C VAL C 121 12.35 -18.64 -12.67
N LYS C 122 13.65 -18.89 -12.46
CA LYS C 122 14.29 -19.96 -13.23
C LYS C 122 13.61 -21.25 -12.77
N GLU C 123 13.56 -22.25 -13.65
CA GLU C 123 13.03 -23.56 -13.28
C GLU C 123 13.99 -24.42 -12.48
N LEU C 124 13.46 -25.26 -11.58
CA LEU C 124 14.29 -26.13 -10.74
C LEU C 124 14.74 -27.42 -11.43
N GLY C 125 16.00 -27.79 -11.26
CA GLY C 125 16.45 -29.05 -11.80
C GLY C 125 16.27 -30.18 -10.79
N LYS C 126 16.89 -31.34 -11.08
CA LYS C 126 16.98 -32.47 -10.15
C LYS C 126 17.78 -32.12 -8.90
N GLU C 127 18.80 -31.29 -9.10
CA GLU C 127 19.74 -30.89 -8.06
C GLU C 127 19.81 -29.39 -8.18
N ASN C 128 19.84 -28.75 -7.02
CA ASN C 128 19.84 -27.31 -6.93
C ASN C 128 20.84 -26.79 -5.94
N VAL C 129 21.36 -25.60 -6.21
CA VAL C 129 22.20 -24.92 -5.24
C VAL C 129 21.45 -23.71 -4.73
N PHE C 130 21.06 -23.72 -3.45
CA PHE C 130 20.29 -22.61 -2.93
C PHE C 130 21.14 -21.72 -2.06
N SER C 131 20.79 -20.44 -2.02
CA SER C 131 21.38 -19.51 -1.04
C SER C 131 20.30 -18.85 -0.19
N THR C 132 20.60 -18.64 1.08
CA THR C 132 19.62 -18.09 2.00
C THR C 132 19.48 -16.56 1.89
N LEU C 133 18.31 -16.05 1.48
CA LEU C 133 18.02 -14.63 1.55
C LEU C 133 17.56 -14.16 2.93
N SER C 134 17.10 -15.08 3.79
CA SER C 134 16.71 -14.77 5.19
C SER C 134 17.24 -16.04 5.84
N PRO C 135 17.74 -15.98 7.06
CA PRO C 135 18.29 -17.22 7.64
C PRO C 135 17.28 -18.35 7.90
N ILE C 136 17.80 -19.58 7.86
CA ILE C 136 17.02 -20.81 8.06
C ILE C 136 17.05 -21.32 9.48
N VAL C 137 15.83 -21.51 10.02
CA VAL C 137 15.57 -21.88 11.42
C VAL C 137 15.04 -23.31 11.60
N VAL C 138 15.71 -24.09 12.45
CA VAL C 138 15.23 -25.43 12.78
C VAL C 138 15.27 -25.59 14.31
N ARG C 139 14.11 -25.75 14.96
CA ARG C 139 14.10 -25.80 16.43
C ARG C 139 13.68 -27.15 17.02
N THR C 140 14.21 -27.44 18.20
CA THR C 140 13.74 -28.58 18.98
C THR C 140 13.38 -28.03 20.37
N VAL C 141 13.11 -28.91 21.31
CA VAL C 141 12.81 -28.46 22.66
C VAL C 141 13.69 -29.17 23.70
N LYS C 142 14.00 -28.48 24.79
CA LYS C 142 14.93 -29.03 25.78
C LYS C 142 14.54 -28.59 27.17
N PHE C 143 14.96 -29.37 28.15
CA PHE C 143 14.72 -28.95 29.51
C PHE C 143 15.98 -28.27 29.99
N GLU C 144 15.82 -27.05 30.47
CA GLU C 144 16.87 -26.35 31.16
C GLU C 144 16.46 -26.19 32.61
N GLY C 145 17.05 -26.95 33.52
CA GLY C 145 16.52 -26.98 34.86
C GLY C 145 15.08 -27.48 34.90
N ASN C 146 14.21 -26.67 35.51
CA ASN C 146 12.78 -26.99 35.57
C ASN C 146 11.92 -26.33 34.48
N LYS C 147 12.59 -25.67 33.53
CA LYS C 147 11.99 -25.01 32.35
C LYS C 147 12.14 -25.61 30.96
N LEU C 148 11.15 -25.34 30.14
CA LEU C 148 11.13 -25.80 28.75
C LEU C 148 11.75 -24.71 27.86
N ARG C 149 12.66 -25.07 26.96
CA ARG C 149 13.41 -24.08 26.19
C ARG C 149 13.38 -24.47 24.75
N HIS C 150 13.20 -23.46 23.91
CA HIS C 150 13.48 -23.61 22.52
C HIS C 150 14.94 -23.77 22.40
N TRP C 151 15.36 -24.79 21.67
CA TRP C 151 16.75 -24.92 21.44
C TRP C 151 16.95 -25.02 19.93
N ASP C 152 17.72 -24.10 19.37
CA ASP C 152 17.85 -23.94 17.94
C ASP C 152 19.00 -24.72 17.39
N LEU C 153 18.81 -25.32 16.23
CA LEU C 153 19.79 -26.26 15.65
C LEU C 153 20.51 -25.63 14.45
N TYR C 154 21.70 -26.09 14.18
CA TYR C 154 22.44 -25.67 12.98
C TYR C 154 22.87 -26.85 12.21
N PRO C 155 23.27 -26.62 10.95
CA PRO C 155 23.58 -27.78 10.11
C PRO C 155 24.66 -28.72 10.61
N HIS C 156 25.57 -28.28 11.48
CA HIS C 156 26.58 -29.20 12.05
C HIS C 156 26.07 -30.11 13.18
N ASP C 157 24.85 -29.85 13.67
CA ASP C 157 24.21 -30.64 14.75
C ASP C 157 23.67 -31.93 14.17
N GLU C 158 23.88 -33.03 14.87
CA GLU C 158 23.39 -34.32 14.40
C GLU C 158 21.89 -34.34 14.08
N LEU C 159 21.08 -33.75 14.96
CA LEU C 159 19.63 -33.75 14.74
C LEU C 159 19.10 -32.83 13.62
N PHE C 160 19.95 -31.99 13.05
CA PHE C 160 19.54 -30.99 12.08
C PHE C 160 18.87 -31.60 10.87
N MET C 161 19.57 -32.49 10.19
CA MET C 161 19.00 -33.07 8.99
C MET C 161 17.69 -33.78 9.31
N ASP C 162 17.65 -34.44 10.47
CA ASP C 162 16.50 -35.26 10.84
C ASP C 162 15.28 -34.35 11.03
N ARG C 163 15.46 -33.24 11.76
CA ARG C 163 14.37 -32.33 12.05
C ARG C 163 13.92 -31.46 10.89
N LEU C 164 14.84 -31.16 9.97
CA LEU C 164 14.48 -30.37 8.83
C LEU C 164 13.60 -31.21 7.90
N ARG C 165 13.89 -32.49 7.75
CA ARG C 165 13.05 -33.42 6.95
C ARG C 165 11.65 -33.43 7.51
N LYS C 166 11.59 -33.71 8.81
CA LYS C 166 10.31 -33.81 9.45
C LYS C 166 9.47 -32.52 9.36
N VAL C 167 10.10 -31.38 9.46
CA VAL C 167 9.42 -30.09 9.45
C VAL C 167 8.90 -29.76 8.04
N MET C 168 9.63 -30.21 7.03
CA MET C 168 9.23 -29.91 5.67
C MET C 168 8.09 -30.80 5.26
N ILE C 169 8.18 -32.08 5.62
CA ILE C 169 7.10 -33.00 5.31
C ILE C 169 5.82 -32.55 5.99
N LEU C 170 5.94 -32.20 7.27
CA LEU C 170 4.79 -31.70 8.04
C LEU C 170 4.21 -30.42 7.43
N ARG C 171 5.05 -29.40 7.22
CA ARG C 171 4.65 -28.13 6.61
C ARG C 171 3.93 -28.40 5.28
N TYR C 172 4.55 -29.23 4.45
CA TYR C 172 4.08 -29.59 3.09
C TYR C 172 2.60 -30.05 3.19
N SER C 173 2.31 -30.97 4.11
CA SER C 173 1.00 -31.56 4.16
C SER C 173 -0.02 -30.53 4.58
N GLU C 174 0.35 -29.64 5.48
CA GLU C 174 -0.58 -28.64 5.96
C GLU C 174 -0.93 -27.62 4.91
N VAL C 175 0.07 -27.05 4.25
CA VAL C 175 -0.17 -26.03 3.24
C VAL C 175 -0.49 -26.47 1.80
N MET C 176 0.10 -27.60 1.39
CA MET C 176 -0.25 -28.24 0.11
C MET C 176 -1.50 -29.15 0.23
N GLY C 177 -1.77 -29.63 1.44
CA GLY C 177 -2.95 -30.39 1.78
C GLY C 177 -2.79 -31.88 1.90
N GLU C 178 -1.76 -32.44 1.26
CA GLU C 178 -1.52 -33.88 1.38
C GLU C 178 -0.03 -34.03 1.61
N THR C 179 0.37 -35.21 2.00
CA THR C 179 1.77 -35.51 2.13
C THR C 179 2.37 -35.67 0.76
N PRO C 180 3.64 -35.30 0.63
CA PRO C 180 4.33 -35.42 -0.66
C PRO C 180 4.67 -36.88 -0.96
N LYS C 181 4.50 -37.20 -2.24
CA LYS C 181 4.73 -38.54 -2.73
C LYS C 181 6.17 -38.93 -2.46
N ASP C 182 7.08 -37.98 -2.61
CA ASP C 182 8.47 -38.28 -2.35
C ASP C 182 8.97 -37.47 -1.16
N ARG C 183 9.31 -38.20 -0.10
CA ARG C 183 9.69 -37.62 1.20
C ARG C 183 11.20 -37.53 1.46
N ASP C 184 12.01 -37.90 0.48
CA ASP C 184 13.44 -37.89 0.78
C ASP C 184 14.24 -36.75 0.16
N PHE C 185 15.15 -36.20 0.97
CA PHE C 185 16.12 -35.30 0.42
C PHE C 185 17.33 -35.20 1.33
N THR C 186 18.45 -34.78 0.74
CA THR C 186 19.70 -34.53 1.45
C THR C 186 20.18 -33.11 1.10
N ILE C 187 20.90 -32.43 1.96
CA ILE C 187 21.38 -31.12 1.57
C ILE C 187 22.86 -31.09 1.92
N GLU C 188 23.74 -30.58 1.05
CA GLU C 188 25.11 -30.39 1.53
C GLU C 188 25.49 -28.91 1.68
N VAL C 189 26.05 -28.56 2.84
CA VAL C 189 26.38 -27.19 3.19
C VAL C 189 27.69 -26.81 2.51
N LEU C 190 27.68 -25.73 1.74
CA LEU C 190 28.84 -25.17 1.03
C LEU C 190 29.48 -24.06 1.85
N LYS C 191 28.67 -23.06 2.17
CA LYS C 191 29.03 -21.94 3.01
C LYS C 191 28.02 -21.79 4.20
N PHE C 192 28.52 -21.58 5.41
CA PHE C 192 27.71 -21.53 6.62
C PHE C 192 28.12 -20.43 7.60
N LYS C 193 27.13 -19.62 8.01
CA LYS C 193 27.24 -18.65 9.10
C LYS C 193 26.04 -18.58 10.03
N PRO C 194 26.30 -18.53 11.31
CA PRO C 194 25.23 -18.41 12.30
C PRO C 194 24.77 -16.97 12.47
N THR C 195 23.52 -16.80 12.85
CA THR C 195 22.99 -15.46 13.08
C THR C 195 21.99 -15.59 14.24
N ARG C 196 21.70 -14.46 14.89
CA ARG C 196 20.73 -14.38 15.99
C ARG C 196 19.85 -13.17 15.86
N LEU C 197 18.56 -13.39 15.73
CA LEU C 197 17.58 -12.30 15.62
C LEU C 197 16.74 -12.15 16.86
N MET C 198 16.42 -10.91 17.21
CA MET C 198 15.47 -10.69 18.28
C MET C 198 14.09 -10.47 17.68
N VAL C 199 13.18 -11.38 17.89
CA VAL C 199 11.83 -11.13 17.39
C VAL C 199 10.92 -11.00 18.59
N GLY C 200 10.46 -9.76 18.79
CA GLY C 200 9.73 -9.43 20.00
C GLY C 200 10.65 -9.59 21.21
N SER C 201 10.21 -10.43 22.14
CA SER C 201 10.90 -10.66 23.41
C SER C 201 12.02 -11.73 23.30
N SER C 202 12.01 -12.49 22.21
CA SER C 202 12.80 -13.69 22.16
C SER C 202 13.86 -13.71 21.09
N TYR C 203 14.82 -14.58 21.30
CA TYR C 203 15.90 -14.72 20.36
C TYR C 203 15.70 -15.99 19.59
N ILE C 204 15.79 -15.85 18.28
CA ILE C 204 15.74 -16.99 17.40
C ILE C 204 17.07 -17.06 16.68
N ARG C 205 17.69 -18.22 16.76
CA ARG C 205 18.92 -18.44 16.06
C ARG C 205 18.73 -19.23 14.80
N GLY C 206 19.55 -18.91 13.82
CA GLY C 206 19.41 -19.60 12.56
C GLY C 206 20.69 -19.58 11.76
N SER C 207 20.56 -20.08 10.55
CA SER C 207 21.67 -20.36 9.67
C SER C 207 21.57 -19.54 8.41
N LEU C 208 22.60 -18.80 8.13
CA LEU C 208 22.75 -18.18 6.83
C LEU C 208 23.62 -19.17 6.02
N MET C 209 23.18 -19.68 4.88
CA MET C 209 23.99 -20.73 4.29
C MET C 209 23.78 -20.86 2.79
N VAL C 210 24.76 -21.47 2.14
CA VAL C 210 24.65 -21.86 0.76
C VAL C 210 24.73 -23.35 0.76
N PHE C 211 23.82 -24.00 0.07
CA PHE C 211 23.81 -25.44 0.09
C PHE C 211 23.32 -26.05 -1.20
N ARG C 212 23.63 -27.33 -1.37
CA ARG C 212 23.17 -28.05 -2.52
C ARG C 212 22.11 -29.06 -2.08
N TYR C 213 20.95 -28.95 -2.68
CA TYR C 213 19.84 -29.81 -2.37
C TYR C 213 19.81 -30.94 -3.38
N ALA C 214 19.48 -32.13 -2.90
CA ALA C 214 19.26 -33.28 -3.77
C ALA C 214 18.09 -34.04 -3.22
N GLY C 215 17.09 -34.31 -4.04
CA GLY C 215 16.02 -35.09 -3.47
C GLY C 215 14.68 -34.82 -4.09
N SER C 216 13.68 -35.07 -3.27
CA SER C 216 12.32 -34.90 -3.70
C SER C 216 12.13 -33.55 -4.36
N GLU C 217 11.54 -33.62 -5.54
CA GLU C 217 11.27 -32.48 -6.39
C GLU C 217 10.12 -31.68 -5.79
N GLU C 218 9.13 -32.34 -5.19
CA GLU C 218 8.02 -31.58 -4.64
C GLU C 218 8.38 -30.79 -3.37
N ILE C 219 9.31 -31.31 -2.57
CA ILE C 219 9.81 -30.56 -1.42
C ILE C 219 10.72 -29.37 -1.86
N ALA C 220 11.64 -29.61 -2.81
CA ALA C 220 12.48 -28.56 -3.38
C ALA C 220 11.61 -27.40 -3.78
N ARG C 221 10.57 -27.66 -4.53
CA ARG C 221 9.76 -26.57 -5.03
C ARG C 221 8.92 -25.92 -3.92
N PHE C 222 8.66 -26.63 -2.84
CA PHE C 222 7.90 -26.08 -1.74
C PHE C 222 8.71 -25.09 -0.90
N GLY C 223 9.94 -25.48 -0.59
CA GLY C 223 10.85 -24.64 0.15
C GLY C 223 11.25 -23.44 -0.67
N TYR C 224 11.37 -23.64 -1.98
CA TYR C 224 11.74 -22.51 -2.79
C TYR C 224 10.65 -21.40 -2.66
N GLU C 225 9.39 -21.79 -2.76
CA GLU C 225 8.28 -20.89 -2.68
C GLU C 225 7.91 -20.47 -1.25
N ASN C 226 7.84 -21.42 -0.34
CA ASN C 226 7.40 -21.06 0.99
C ASN C 226 8.52 -20.92 2.02
N GLY C 227 9.76 -21.11 1.60
CA GLY C 227 10.86 -21.02 2.53
C GLY C 227 11.20 -22.36 3.12
N PHE C 228 12.45 -22.51 3.57
CA PHE C 228 12.91 -23.75 4.20
C PHE C 228 12.94 -23.62 5.71
N GLY C 229 12.67 -24.71 6.43
CA GLY C 229 12.65 -24.64 7.90
C GLY C 229 11.38 -24.06 8.52
N GLU C 230 11.51 -23.52 9.73
CA GLU C 230 10.36 -23.05 10.47
C GLU C 230 10.28 -21.51 10.45
N LYS C 231 9.20 -20.97 11.04
CA LYS C 231 9.07 -19.55 11.30
C LYS C 231 9.17 -18.80 9.97
N THR C 232 8.90 -19.48 8.86
CA THR C 232 9.13 -18.81 7.58
C THR C 232 8.27 -17.60 7.46
N GLY C 233 7.09 -17.66 8.10
CA GLY C 233 6.14 -16.56 8.14
C GLY C 233 6.69 -15.29 8.76
N LEU C 234 7.70 -15.42 9.63
CA LEU C 234 8.36 -14.28 10.27
C LEU C 234 9.57 -13.70 9.50
N GLY C 235 9.72 -14.12 8.23
CA GLY C 235 10.83 -13.73 7.36
C GLY C 235 12.12 -14.53 7.57
N PHE C 236 11.95 -15.84 7.54
CA PHE C 236 13.05 -16.78 7.66
C PHE C 236 12.94 -17.84 6.56
N GLY C 237 14.09 -18.37 6.18
CA GLY C 237 14.15 -19.54 5.33
C GLY C 237 13.96 -19.26 3.85
N MET C 238 13.85 -18.00 3.46
CA MET C 238 13.69 -17.71 2.04
C MET C 238 14.98 -17.97 1.32
N VAL C 239 14.93 -18.60 0.14
CA VAL C 239 16.18 -18.85 -0.62
C VAL C 239 16.18 -18.35 -2.07
N LYS C 240 17.32 -17.81 -2.52
CA LYS C 240 17.47 -17.54 -3.96
C LYS C 240 18.01 -18.81 -4.64
N LEU C 241 17.69 -19.00 -5.91
CA LEU C 241 18.21 -20.18 -6.63
C LEU C 241 19.48 -19.76 -7.36
N ILE C 242 20.52 -20.56 -7.41
CA ILE C 242 21.73 -20.13 -8.14
C ILE C 242 22.27 -21.25 -9.01
N GLU C 243 23.41 -21.01 -9.62
CA GLU C 243 24.11 -22.05 -10.42
C GLU C 243 25.33 -22.60 -9.66
#